data_3D8F
#
_entry.id   3D8F
#
_cell.length_a   146.040
_cell.length_b   146.040
_cell.length_c   78.294
_cell.angle_alpha   90.000
_cell.angle_beta   90.000
_cell.angle_gamma   120.000
#
_symmetry.space_group_name_H-M   'H 3'
#
loop_
_entity.id
_entity.type
_entity.pdbx_description
1 polymer 'Amyloid beta A4 precursor protein-binding family B member 1'
2 non-polymer 'PHOSPHATE ION'
3 water water
#
_entity_poly.entity_id   1
_entity_poly.type   'polypeptide(L)'
_entity_poly.pdbx_seq_one_letter_code
;GIKCFAVRSLGWVEMTEEELAPGRSSVAVNNCIRQLSYHKNNLHDPMSGGWGEGKDLLLQLEDETLKLVEPQSQALLHAQ
PIISIRVWGVGRDSGRERDFAYVARDKLTQMLKCHVFRCEAPAKNIATSLHEICSKIMAELEHHHHHH
;
_entity_poly.pdbx_strand_id   A,B,C,D
#
loop_
_chem_comp.id
_chem_comp.type
_chem_comp.name
_chem_comp.formula
PO4 non-polymer 'PHOSPHATE ION' 'O4 P -3'
#
# COMPACT_ATOMS: atom_id res chain seq x y z
N GLY A 1 0.08 -28.72 19.39
CA GLY A 1 0.35 -28.59 17.93
C GLY A 1 0.16 -27.16 17.47
N ILE A 2 -0.34 -26.98 16.24
CA ILE A 2 -0.57 -25.63 15.66
C ILE A 2 -1.46 -24.77 16.57
N LYS A 3 -0.80 -24.04 17.47
CA LYS A 3 -1.45 -23.03 18.31
C LYS A 3 -1.26 -21.67 17.63
N CYS A 4 -2.39 -21.04 17.33
CA CYS A 4 -2.45 -19.84 16.49
C CYS A 4 -3.35 -18.80 17.15
N PHE A 5 -2.94 -17.53 17.13
CA PHE A 5 -3.61 -16.48 17.90
C PHE A 5 -3.85 -15.21 17.13
N ALA A 6 -5.07 -14.69 17.17
CA ALA A 6 -5.33 -13.43 16.49
C ALA A 6 -4.74 -12.27 17.29
N VAL A 7 -3.83 -11.53 16.66
CA VAL A 7 -3.17 -10.41 17.30
C VAL A 7 -3.14 -9.19 16.39
N ARG A 8 -2.87 -8.04 17.00
CA ARG A 8 -2.51 -6.81 16.31
C ARG A 8 -1.12 -6.33 16.76
N SER A 9 -0.25 -5.89 15.83
CA SER A 9 1.01 -5.29 16.29
C SER A 9 0.84 -3.85 16.66
N LEU A 10 1.28 -3.51 17.86
CA LEU A 10 1.20 -2.16 18.34
C LEU A 10 2.50 -1.36 18.16
N GLY A 11 3.61 -2.07 17.89
CA GLY A 11 4.92 -1.48 17.84
C GLY A 11 5.95 -2.15 18.74
N TRP A 12 7.08 -1.47 18.92
CA TRP A 12 8.18 -1.94 19.77
C TRP A 12 8.93 -0.80 20.46
N VAL A 13 9.72 -1.19 21.45
CA VAL A 13 10.47 -0.25 22.26
C VAL A 13 11.82 -0.84 22.59
N GLU A 14 12.87 -0.09 22.28
CA GLU A 14 14.24 -0.51 22.58
C GLU A 14 14.42 -0.79 24.05
N MET A 15 15.15 -1.87 24.34
CA MET A 15 15.56 -2.13 25.75
C MET A 15 17.05 -2.35 25.92
N THR A 16 17.51 -2.06 27.13
CA THR A 16 18.91 -2.20 27.53
C THR A 16 19.13 -3.59 28.16
N GLU A 17 20.39 -3.96 28.43
CA GLU A 17 20.69 -5.25 29.06
C GLU A 17 20.44 -5.24 30.53
N GLU A 18 20.77 -4.12 31.18
CA GLU A 18 20.53 -3.95 32.61
C GLU A 18 19.05 -3.89 32.95
N GLU A 19 18.25 -3.38 32.02
CA GLU A 19 16.79 -3.46 32.14
C GLU A 19 16.32 -4.91 32.23
N LEU A 20 17.10 -5.83 31.67
CA LEU A 20 16.73 -7.24 31.53
C LEU A 20 17.27 -8.19 32.60
N ALA A 21 18.06 -7.66 33.54
CA ALA A 21 18.50 -8.42 34.72
C ALA A 21 17.25 -8.78 35.49
N PRO A 22 17.15 -10.01 36.01
CA PRO A 22 15.82 -10.50 36.43
C PRO A 22 15.28 -9.68 37.56
N GLY A 23 13.96 -9.56 37.60
CA GLY A 23 13.29 -8.67 38.54
C GLY A 23 13.87 -7.26 38.53
N ARG A 24 14.26 -6.83 37.34
CA ARG A 24 14.27 -5.43 36.99
C ARG A 24 13.67 -5.52 35.62
N SER A 25 13.42 -6.78 35.25
CA SER A 25 12.96 -7.19 33.93
C SER A 25 11.46 -7.15 33.83
N SER A 26 10.81 -8.07 34.53
CA SER A 26 9.36 -8.11 34.54
C SER A 26 8.78 -6.69 34.67
N VAL A 27 9.26 -5.93 35.66
CA VAL A 27 8.84 -4.56 35.81
C VAL A 27 8.96 -3.85 34.47
N ALA A 28 10.16 -3.87 33.90
CA ALA A 28 10.46 -3.12 32.69
C ALA A 28 9.52 -3.49 31.52
N VAL A 29 9.40 -4.77 31.16
CA VAL A 29 8.43 -5.15 30.11
C VAL A 29 7.09 -4.45 30.29
N ASN A 30 6.67 -4.25 31.52
CA ASN A 30 5.35 -3.73 31.72
C ASN A 30 5.24 -2.30 31.33
N ASN A 31 6.29 -1.54 31.60
CA ASN A 31 6.37 -0.15 31.13
C ASN A 31 6.30 -0.12 29.61
N CYS A 32 6.88 -1.16 28.99
CA CYS A 32 6.84 -1.30 27.53
C CYS A 32 5.45 -1.49 27.02
N ILE A 33 4.64 -2.20 27.80
CA ILE A 33 3.25 -2.38 27.42
C ILE A 33 2.51 -1.11 27.76
N ARG A 34 2.92 -0.47 28.85
CA ARG A 34 2.29 0.76 29.28
C ARG A 34 2.47 1.84 28.21
N GLN A 35 3.60 1.82 27.50
CA GLN A 35 3.97 2.88 26.55
C GLN A 35 3.20 2.85 25.21
N LEU A 36 2.81 1.65 24.79
CA LEU A 36 2.35 1.42 23.43
C LEU A 36 0.93 0.95 23.34
N SER A 37 0.33 0.69 24.50
CA SER A 37 -1.03 0.14 24.53
C SER A 37 -1.96 0.95 25.37
N TYR A 38 -3.05 1.41 24.77
CA TYR A 38 -4.09 2.20 25.44
C TYR A 38 -5.24 1.32 25.92
N HIS A 39 -5.49 1.35 27.24
CA HIS A 39 -6.85 1.06 27.73
C HIS A 39 -7.62 2.35 28.09
N LYS A 55 -4.40 -3.23 10.59
CA LYS A 55 -4.59 -4.61 10.14
C LYS A 55 -4.42 -5.64 11.24
N ASP A 56 -4.26 -6.90 10.86
CA ASP A 56 -4.40 -8.00 11.82
C ASP A 56 -3.44 -9.11 11.45
N LEU A 57 -2.86 -9.75 12.48
CA LEU A 57 -1.91 -10.83 12.24
C LEU A 57 -2.32 -12.05 13.01
N LEU A 58 -1.72 -13.17 12.61
CA LEU A 58 -1.74 -14.39 13.37
C LEU A 58 -0.37 -14.53 13.99
N LEU A 59 -0.31 -14.50 15.32
CA LEU A 59 0.90 -14.84 15.99
C LEU A 59 0.86 -16.33 16.13
N GLN A 60 1.76 -17.01 15.43
CA GLN A 60 1.75 -18.46 15.41
C GLN A 60 2.85 -19.09 16.23
N LEU A 61 2.51 -20.24 16.83
CA LEU A 61 3.48 -21.06 17.54
C LEU A 61 3.53 -22.42 16.89
N GLU A 62 4.69 -22.70 16.30
CA GLU A 62 4.94 -24.00 15.70
C GLU A 62 6.43 -24.11 15.48
N ASP A 63 6.93 -25.34 15.62
CA ASP A 63 8.33 -25.67 15.40
C ASP A 63 9.21 -24.77 16.25
N GLU A 64 8.78 -24.55 17.49
CA GLU A 64 9.56 -23.74 18.42
C GLU A 64 9.81 -22.34 17.84
N THR A 65 8.87 -21.83 17.05
CA THR A 65 9.06 -20.55 16.38
C THR A 65 7.85 -19.68 16.63
N LEU A 66 8.09 -18.48 17.12
CA LEU A 66 7.02 -17.53 17.19
C LEU A 66 6.97 -16.92 15.79
N LYS A 67 5.84 -17.11 15.09
CA LYS A 67 5.67 -16.66 13.69
C LYS A 67 4.62 -15.58 13.59
N LEU A 68 4.84 -14.58 12.75
CA LEU A 68 3.85 -13.54 12.52
C LEU A 68 3.39 -13.78 11.11
N VAL A 69 2.12 -14.12 10.90
CA VAL A 69 1.66 -14.57 9.59
C VAL A 69 0.59 -13.64 9.10
N GLU A 70 0.60 -13.33 7.80
CA GLU A 70 -0.46 -12.54 7.23
C GLU A 70 -1.62 -13.50 7.02
N PRO A 71 -2.74 -13.25 7.72
CA PRO A 71 -3.93 -14.10 7.73
C PRO A 71 -4.43 -14.48 6.33
N GLN A 72 -4.82 -13.46 5.56
CA GLN A 72 -5.32 -13.62 4.17
C GLN A 72 -4.42 -14.46 3.25
N SER A 73 -3.09 -14.31 3.38
CA SER A 73 -2.14 -14.90 2.46
C SER A 73 -1.41 -16.14 3.00
N GLN A 74 -1.42 -16.31 4.33
CA GLN A 74 -0.65 -17.38 4.98
C GLN A 74 0.84 -17.15 4.74
N ALA A 75 1.23 -15.88 4.64
CA ALA A 75 2.60 -15.51 4.29
C ALA A 75 3.41 -15.09 5.49
N LEU A 76 4.44 -15.87 5.79
CA LEU A 76 5.35 -15.66 6.93
C LEU A 76 5.87 -14.28 6.83
N LEU A 77 5.51 -13.45 7.79
CA LEU A 77 6.00 -12.08 7.82
C LEU A 77 7.27 -11.98 8.62
N HIS A 78 7.32 -12.61 9.80
CA HIS A 78 8.47 -12.60 10.71
C HIS A 78 8.57 -13.94 11.46
N ALA A 79 9.74 -14.26 12.00
CA ALA A 79 10.00 -15.60 12.56
C ALA A 79 11.05 -15.59 13.69
N GLN A 80 10.58 -15.63 14.93
CA GLN A 80 11.41 -15.57 16.11
C GLN A 80 11.68 -16.95 16.69
N PRO A 81 12.92 -17.40 16.63
CA PRO A 81 13.20 -18.59 17.41
C PRO A 81 12.89 -18.40 18.88
N ILE A 82 11.86 -19.12 19.34
CA ILE A 82 11.51 -19.17 20.77
C ILE A 82 12.66 -19.19 21.78
N ILE A 83 13.65 -20.04 21.51
CA ILE A 83 14.81 -20.20 22.39
C ILE A 83 15.61 -18.92 22.63
N SER A 84 15.57 -17.98 21.70
CA SER A 84 16.22 -16.69 21.94
C SER A 84 15.27 -15.53 22.26
N ILE A 85 14.08 -15.85 22.77
CA ILE A 85 13.20 -14.83 23.32
C ILE A 85 13.68 -14.60 24.71
N ARG A 86 14.04 -13.38 25.02
CA ARG A 86 14.57 -13.06 26.35
C ARG A 86 13.52 -13.19 27.43
N VAL A 87 12.34 -12.64 27.21
CA VAL A 87 11.28 -12.74 28.20
C VAL A 87 9.94 -12.39 27.55
N TRP A 88 8.86 -12.86 28.14
CA TRP A 88 7.56 -12.47 27.67
C TRP A 88 6.74 -11.93 28.82
N GLY A 89 5.46 -11.72 28.59
CA GLY A 89 4.61 -11.19 29.63
C GLY A 89 3.20 -10.94 29.14
N VAL A 90 2.34 -10.58 30.07
CA VAL A 90 0.99 -10.14 29.78
C VAL A 90 0.88 -8.86 30.57
N GLY A 91 0.03 -7.93 30.17
CA GLY A 91 -0.04 -6.67 30.92
C GLY A 91 -0.56 -6.81 32.36
N ARG A 92 0.37 -6.81 33.32
CA ARG A 92 0.12 -7.16 34.74
C ARG A 92 -1.11 -6.54 35.43
N ASP A 93 -1.47 -5.32 35.06
CA ASP A 93 -2.52 -4.57 35.74
C ASP A 93 -3.92 -4.83 35.18
N SER A 94 -4.78 -3.81 35.20
CA SER A 94 -6.19 -3.95 34.82
C SER A 94 -6.55 -3.47 33.42
N GLY A 95 -7.25 -4.32 32.69
CA GLY A 95 -7.64 -4.04 31.30
C GLY A 95 -6.59 -4.51 30.31
N ARG A 96 -5.36 -4.65 30.79
CA ARG A 96 -4.25 -5.06 29.95
C ARG A 96 -4.13 -6.59 29.90
N GLU A 97 -5.27 -7.26 29.80
CA GLU A 97 -5.33 -8.72 29.80
C GLU A 97 -5.18 -9.25 28.36
N ARG A 98 -5.41 -8.39 27.41
CA ARG A 98 -5.23 -8.75 26.02
C ARG A 98 -3.87 -8.26 25.43
N ASP A 99 -2.97 -7.77 26.28
CA ASP A 99 -1.70 -7.25 25.79
C ASP A 99 -0.56 -8.24 25.95
N PHE A 100 -0.05 -8.74 24.82
CA PHE A 100 1.12 -9.60 24.85
C PHE A 100 2.43 -8.89 24.43
N ALA A 101 3.48 -9.12 25.22
CA ALA A 101 4.81 -8.62 24.88
C ALA A 101 5.89 -9.73 24.87
N TYR A 102 6.82 -9.63 23.94
CA TYR A 102 8.04 -10.44 24.03
C TYR A 102 9.29 -9.63 23.68
N VAL A 103 10.45 -10.15 24.07
CA VAL A 103 11.72 -9.46 23.90
C VAL A 103 12.76 -10.36 23.25
N ALA A 104 13.26 -9.91 22.11
CA ALA A 104 14.33 -10.59 21.42
C ALA A 104 15.32 -9.57 20.86
N ARG A 105 16.59 -9.98 20.78
CA ARG A 105 17.60 -9.19 20.08
C ARG A 105 17.23 -9.23 18.62
N ASP A 106 17.35 -8.10 17.92
CA ASP A 106 17.04 -8.04 16.50
C ASP A 106 18.21 -8.57 15.71
N LYS A 107 17.94 -9.50 14.80
CA LYS A 107 18.96 -10.25 14.05
C LYS A 107 19.86 -9.38 13.18
N LEU A 108 19.25 -8.48 12.38
CA LEU A 108 20.01 -7.52 11.57
C LEU A 108 20.76 -6.44 12.38
N THR A 109 20.05 -5.62 13.20
CA THR A 109 20.69 -4.46 13.89
C THR A 109 21.34 -4.80 15.21
N GLN A 110 21.05 -5.98 15.74
CA GLN A 110 21.58 -6.39 17.04
C GLN A 110 20.91 -5.68 18.27
N MET A 111 19.79 -5.01 18.05
CA MET A 111 19.14 -4.32 19.16
C MET A 111 18.19 -5.24 19.99
N LEU A 112 18.17 -5.03 21.30
CA LEU A 112 17.15 -5.65 22.08
C LEU A 112 15.83 -4.87 21.93
N LYS A 113 14.78 -5.59 21.57
CA LYS A 113 13.46 -5.01 21.41
C LYS A 113 12.35 -5.77 22.16
N CYS A 114 11.46 -4.99 22.76
CA CYS A 114 10.20 -5.50 23.28
C CYS A 114 9.03 -5.25 22.34
N HIS A 115 8.55 -6.27 21.64
CA HIS A 115 7.38 -6.17 20.75
C HIS A 115 6.00 -6.38 21.45
N VAL A 116 5.18 -5.33 21.48
CA VAL A 116 3.84 -5.40 22.07
C VAL A 116 2.76 -5.81 21.07
N PHE A 117 1.84 -6.66 21.50
CA PHE A 117 0.73 -7.10 20.62
C PHE A 117 -0.57 -7.04 21.42
N ARG A 118 -1.63 -6.53 20.81
CA ARG A 118 -2.93 -6.54 21.50
C ARG A 118 -3.73 -7.67 20.92
N CYS A 119 -4.11 -8.61 21.77
CA CYS A 119 -4.73 -9.86 21.26
C CYS A 119 -6.24 -9.80 21.33
N GLU A 120 -6.88 -10.62 20.50
CA GLU A 120 -8.34 -10.77 20.58
C GLU A 120 -8.73 -11.58 21.85
N ALA A 121 -8.07 -12.72 22.06
CA ALA A 121 -8.27 -13.58 23.23
C ALA A 121 -7.29 -13.18 24.36
N PRO A 122 -7.42 -13.80 25.56
CA PRO A 122 -6.50 -13.34 26.60
C PRO A 122 -4.98 -13.67 26.45
N ALA A 123 -4.14 -12.66 26.66
CA ALA A 123 -2.69 -12.79 26.52
C ALA A 123 -2.03 -13.87 27.38
N LYS A 124 -2.77 -14.48 28.34
CA LYS A 124 -2.19 -15.55 29.14
C LYS A 124 -2.21 -16.85 28.38
N ASN A 125 -3.07 -16.94 27.36
CA ASN A 125 -3.08 -18.14 26.53
C ASN A 125 -1.73 -18.27 25.81
N ILE A 126 -1.12 -17.13 25.49
CA ILE A 126 0.11 -17.16 24.74
C ILE A 126 1.25 -17.40 25.71
N ALA A 127 1.28 -16.65 26.80
CA ALA A 127 2.26 -16.94 27.83
C ALA A 127 2.25 -18.45 28.09
N THR A 128 1.06 -19.01 28.28
CA THR A 128 0.96 -20.41 28.65
C THR A 128 1.48 -21.38 27.59
N SER A 129 1.17 -21.10 26.34
CA SER A 129 1.69 -21.93 25.25
C SER A 129 3.22 -21.81 25.11
N LEU A 130 3.76 -20.66 25.49
CA LEU A 130 5.23 -20.49 25.43
C LEU A 130 5.91 -21.30 26.50
N HIS A 131 5.51 -21.11 27.76
CA HIS A 131 5.93 -22.04 28.83
C HIS A 131 5.83 -23.49 28.35
N GLU A 132 4.63 -23.93 27.95
CA GLU A 132 4.46 -25.31 27.49
C GLU A 132 5.52 -25.73 26.50
N ILE A 133 5.82 -24.87 25.52
CA ILE A 133 6.79 -25.22 24.46
C ILE A 133 8.21 -25.24 24.97
N CYS A 134 8.51 -24.35 25.91
CA CYS A 134 9.80 -24.34 26.56
C CYS A 134 9.99 -25.59 27.38
N SER A 135 9.03 -25.90 28.25
CA SER A 135 9.14 -27.01 29.19
C SER A 135 9.39 -28.37 28.54
N LYS A 136 8.84 -28.58 27.34
CA LYS A 136 8.99 -29.85 26.67
C LYS A 136 10.21 -29.82 25.77
N ILE A 137 10.93 -28.71 25.84
CA ILE A 137 12.26 -28.57 25.24
C ILE A 137 13.32 -28.70 26.35
N MET A 138 13.01 -28.26 27.57
CA MET A 138 13.90 -28.54 28.69
C MET A 138 13.98 -30.04 28.91
N ALA A 139 12.87 -30.59 29.36
CA ALA A 139 12.75 -32.02 29.61
C ALA A 139 13.05 -32.88 28.37
N GLU A 140 13.19 -32.23 27.23
CA GLU A 140 13.42 -32.97 25.99
C GLU A 140 14.91 -33.07 25.68
N LEU A 141 15.69 -32.13 26.24
CA LEU A 141 17.14 -32.02 26.03
C LEU A 141 17.96 -32.85 27.04
N GLU A 142 17.59 -34.12 27.25
CA GLU A 142 18.22 -34.92 28.34
C GLU A 142 18.47 -36.35 27.89
N GLY B 1 15.33 5.25 24.45
CA GLY B 1 15.66 4.30 23.35
C GLY B 1 14.71 4.53 22.21
N ILE B 2 14.93 3.85 21.10
CA ILE B 2 14.01 3.97 20.00
C ILE B 2 12.59 3.55 20.48
N LYS B 3 11.57 4.32 20.11
CA LYS B 3 10.19 3.93 20.30
C LYS B 3 9.62 3.75 18.92
N CYS B 4 8.70 2.82 18.77
CA CYS B 4 8.07 2.64 17.50
C CYS B 4 6.55 2.44 17.69
N PHE B 5 5.78 3.48 17.42
CA PHE B 5 4.34 3.48 17.67
C PHE B 5 3.55 3.27 16.41
N ALA B 6 2.77 2.20 16.37
CA ALA B 6 1.79 1.97 15.33
C ALA B 6 0.68 3.05 15.36
N VAL B 7 0.43 3.66 14.19
CA VAL B 7 -0.54 4.75 13.98
C VAL B 7 -1.18 4.74 12.58
N ARG B 8 -2.40 5.28 12.44
CA ARG B 8 -2.98 5.54 11.11
C ARG B 8 -2.85 7.01 10.82
N SER B 9 -2.26 7.37 9.68
CA SER B 9 -2.20 8.80 9.36
C SER B 9 -3.58 9.29 9.02
N LEU B 10 -3.90 10.48 9.51
CA LEU B 10 -5.24 11.03 9.42
C LEU B 10 -5.32 12.12 8.39
N GLY B 11 -4.16 12.62 7.96
CA GLY B 11 -4.04 13.74 7.05
C GLY B 11 -3.73 15.03 7.78
N TRP B 12 -3.46 16.08 7.02
CA TRP B 12 -2.97 17.31 7.61
C TRP B 12 -3.93 18.50 7.46
N VAL B 13 -3.57 19.62 8.11
CA VAL B 13 -4.28 20.93 7.97
C VAL B 13 -3.23 22.05 7.92
N GLU B 14 -3.34 22.90 6.91
CA GLU B 14 -2.46 24.04 6.76
C GLU B 14 -2.57 24.96 7.98
N MET B 15 -1.45 25.59 8.31
CA MET B 15 -1.39 26.53 9.42
C MET B 15 -0.56 27.76 9.10
N THR B 16 -0.79 28.80 9.90
CA THR B 16 -0.07 30.06 9.74
C THR B 16 0.85 30.32 10.93
N GLU B 17 1.82 31.19 10.71
CA GLU B 17 2.78 31.59 11.73
C GLU B 17 2.06 32.20 12.92
N GLU B 18 0.85 32.69 12.66
CA GLU B 18 0.10 33.50 13.61
C GLU B 18 -0.44 32.59 14.68
N GLU B 19 -1.18 31.58 14.25
CA GLU B 19 -1.71 30.54 15.15
C GLU B 19 -0.60 29.85 15.95
N LEU B 20 0.59 29.81 15.38
CA LEU B 20 1.78 29.31 16.06
C LEU B 20 2.27 30.13 17.25
N ALA B 21 1.80 31.37 17.37
CA ALA B 21 2.14 32.20 18.53
C ALA B 21 1.80 31.48 19.84
N PRO B 22 2.64 31.64 20.85
CA PRO B 22 2.41 30.93 22.12
C PRO B 22 1.07 31.35 22.75
N GLY B 23 0.39 30.41 23.39
CA GLY B 23 -0.96 30.64 23.86
C GLY B 23 -2.01 30.37 22.79
N ARG B 24 -1.72 30.72 21.55
CA ARG B 24 -2.67 30.45 20.48
C ARG B 24 -2.46 29.02 19.98
N SER B 25 -1.19 28.62 19.89
CA SER B 25 -0.78 27.39 19.22
C SER B 25 -1.48 26.12 19.71
N SER B 26 -1.65 26.00 21.03
CA SER B 26 -2.22 24.79 21.65
C SER B 26 -3.65 24.50 21.23
N VAL B 27 -4.44 25.56 21.11
CA VAL B 27 -5.86 25.44 20.81
C VAL B 27 -5.99 25.29 19.32
N ALA B 28 -5.12 25.98 18.57
CA ALA B 28 -5.08 25.85 17.14
C ALA B 28 -4.82 24.38 16.75
N VAL B 29 -3.98 23.69 17.52
CA VAL B 29 -3.71 22.29 17.23
C VAL B 29 -4.87 21.42 17.67
N ASN B 30 -5.38 21.66 18.87
CA ASN B 30 -6.55 20.91 19.28
C ASN B 30 -7.68 21.06 18.28
N ASN B 31 -7.67 22.17 17.55
CA ASN B 31 -8.62 22.42 16.48
C ASN B 31 -8.51 21.39 15.40
N CYS B 32 -7.34 21.36 14.78
CA CYS B 32 -7.09 20.40 13.72
C CYS B 32 -7.42 18.94 14.07
N ILE B 33 -7.21 18.54 15.31
CA ILE B 33 -7.53 17.18 15.70
C ILE B 33 -9.06 16.99 15.73
N ARG B 34 -9.78 17.96 16.28
CA ARG B 34 -11.24 17.95 16.31
C ARG B 34 -11.85 18.21 14.93
N GLN B 35 -11.05 18.17 13.88
CA GLN B 35 -11.60 18.32 12.53
C GLN B 35 -11.01 17.26 11.58
N LEU B 36 -10.49 16.20 12.15
CA LEU B 36 -10.09 15.02 11.40
C LEU B 36 -10.43 13.79 12.26
N SER B 37 -10.71 14.07 13.55
CA SER B 37 -11.00 13.09 14.58
C SER B 37 -12.30 12.32 14.28
N GLY B 50 1.84 8.14 -0.17
CA GLY B 50 2.59 7.20 0.66
C GLY B 50 2.23 7.25 2.13
N TRP B 51 2.44 8.41 2.77
CA TRP B 51 2.21 8.55 4.21
C TRP B 51 1.07 9.49 4.57
N GLY B 52 0.01 9.46 3.75
CA GLY B 52 -1.09 10.43 3.88
C GLY B 52 -2.33 9.91 4.56
N GLU B 53 -3.46 10.52 4.24
CA GLU B 53 -4.74 10.17 4.85
C GLU B 53 -5.05 8.66 4.74
N GLY B 54 -5.71 8.11 5.76
CA GLY B 54 -5.98 6.66 5.86
C GLY B 54 -4.82 5.67 5.75
N LYS B 55 -3.57 6.15 5.70
CA LYS B 55 -2.43 5.25 5.58
C LYS B 55 -1.97 4.75 6.95
N ASP B 56 -1.75 3.44 7.04
CA ASP B 56 -1.35 2.80 8.29
C ASP B 56 0.15 2.68 8.30
N LEU B 57 0.80 3.35 9.25
CA LEU B 57 2.26 3.38 9.33
C LEU B 57 2.89 3.41 10.72
N LEU B 58 4.14 2.99 10.79
CA LEU B 58 4.90 3.04 12.01
C LEU B 58 5.48 4.42 12.16
N LEU B 59 5.22 5.04 13.32
CA LEU B 59 5.88 6.29 13.70
C LEU B 59 7.07 6.02 14.64
N GLN B 60 8.29 6.20 14.16
CA GLN B 60 9.47 5.85 14.91
C GLN B 60 10.24 7.06 15.27
N LEU B 61 10.84 7.00 16.45
CA LEU B 61 11.66 8.08 16.98
C LEU B 61 13.02 7.52 17.27
N GLU B 62 13.98 7.97 16.47
CA GLU B 62 15.34 7.46 16.40
C GLU B 62 16.20 8.60 15.82
N ASP B 63 17.34 8.87 16.46
CA ASP B 63 18.34 9.80 15.90
C ASP B 63 17.79 11.21 15.68
N GLU B 64 17.10 11.69 16.73
CA GLU B 64 16.51 13.03 16.77
C GLU B 64 15.60 13.29 15.57
N THR B 65 14.97 12.22 15.07
CA THR B 65 14.13 12.29 13.88
C THR B 65 12.82 11.57 14.19
N LEU B 66 11.73 12.06 13.63
CA LEU B 66 10.49 11.39 13.73
C LEU B 66 10.33 10.77 12.36
N LYS B 67 10.41 9.45 12.32
CA LYS B 67 10.37 8.74 11.03
C LYS B 67 8.99 8.18 10.86
N LEU B 68 8.58 8.03 9.61
CA LEU B 68 7.35 7.34 9.31
C LEU B 68 7.83 6.18 8.47
N VAL B 69 7.44 4.96 8.84
CA VAL B 69 8.02 3.75 8.28
C VAL B 69 6.87 2.91 7.80
N GLU B 70 7.13 2.06 6.80
CA GLU B 70 6.08 1.24 6.19
C GLU B 70 6.05 -0.10 6.92
N PRO B 71 4.97 -0.35 7.64
CA PRO B 71 4.82 -1.43 8.63
C PRO B 71 5.48 -2.76 8.26
N GLN B 72 5.24 -3.22 7.04
CA GLN B 72 5.70 -4.52 6.57
C GLN B 72 7.15 -4.49 6.06
N SER B 73 7.40 -3.61 5.08
CA SER B 73 8.65 -3.60 4.33
C SER B 73 9.74 -2.77 4.95
N GLN B 74 9.39 -2.04 6.00
CA GLN B 74 10.32 -1.14 6.72
C GLN B 74 10.85 0.00 5.86
N ALA B 75 10.14 0.36 4.80
CA ALA B 75 10.54 1.52 3.96
C ALA B 75 10.40 2.86 4.71
N LEU B 76 11.51 3.61 4.78
CA LEU B 76 11.54 5.00 5.26
C LEU B 76 10.71 5.95 4.40
N LEU B 77 9.48 6.17 4.83
CA LEU B 77 8.52 7.00 4.15
C LEU B 77 8.73 8.52 4.30
N HIS B 78 9.35 8.94 5.42
CA HIS B 78 9.50 10.36 5.75
C HIS B 78 10.39 10.52 6.94
N ALA B 79 11.21 11.57 6.98
CA ALA B 79 12.10 11.79 8.12
C ALA B 79 11.95 13.21 8.61
N GLN B 80 11.38 13.41 9.78
CA GLN B 80 11.08 14.76 10.22
C GLN B 80 12.07 15.11 11.29
N PRO B 81 13.06 15.97 10.98
CA PRO B 81 13.98 16.25 12.08
C PRO B 81 13.21 16.80 13.29
N ILE B 82 13.33 16.13 14.44
CA ILE B 82 12.60 16.51 15.63
C ILE B 82 12.81 17.98 15.97
N ILE B 83 14.03 18.41 15.80
CA ILE B 83 14.42 19.77 16.06
C ILE B 83 13.59 20.83 15.31
N SER B 84 12.83 20.46 14.28
CA SER B 84 12.12 21.44 13.45
C SER B 84 10.61 21.33 13.51
N ILE B 85 10.13 20.44 14.38
CA ILE B 85 8.73 20.35 14.72
C ILE B 85 8.44 21.55 15.62
N ARG B 86 7.54 22.40 15.18
CA ARG B 86 7.27 23.66 15.85
C ARG B 86 6.49 23.42 17.13
N VAL B 87 5.50 22.56 17.06
CA VAL B 87 4.76 22.14 18.23
C VAL B 87 4.21 20.79 17.89
N TRP B 88 3.94 20.02 18.94
CA TRP B 88 3.05 18.84 18.86
C TRP B 88 1.89 18.99 19.89
N GLY B 89 1.07 17.94 20.02
CA GLY B 89 -0.08 17.93 20.92
C GLY B 89 -0.90 16.64 20.85
N VAL B 90 -1.68 16.42 21.91
CA VAL B 90 -2.61 15.27 22.02
C VAL B 90 -4.04 15.79 22.14
N GLY B 91 -5.03 14.92 22.04
CA GLY B 91 -6.41 15.33 22.34
C GLY B 91 -6.85 15.22 23.80
N GLU B 97 -7.42 12.34 21.99
CA GLU B 97 -7.82 11.34 22.99
C GLU B 97 -6.77 10.19 23.01
N ARG B 98 -6.49 9.70 21.82
CA ARG B 98 -5.26 9.05 21.49
C ARG B 98 -4.98 9.43 20.06
N ASP B 99 -5.04 10.74 19.83
CA ASP B 99 -4.65 11.34 18.56
C ASP B 99 -3.47 12.23 18.82
N PHE B 100 -2.38 11.93 18.12
CA PHE B 100 -1.18 12.71 18.21
C PHE B 100 -1.13 13.62 17.01
N ALA B 101 -0.48 14.76 17.16
CA ALA B 101 -0.45 15.74 16.11
C ALA B 101 0.81 16.55 16.26
N TYR B 102 1.47 16.85 15.16
CA TYR B 102 2.67 17.66 15.22
C TYR B 102 2.66 18.61 14.04
N VAL B 103 3.53 19.63 14.10
CA VAL B 103 3.48 20.71 13.13
C VAL B 103 4.88 21.01 12.65
N ALA B 104 5.02 21.00 11.34
CA ALA B 104 6.29 21.23 10.69
C ALA B 104 6.03 21.94 9.36
N ARG B 105 7.05 22.66 8.90
CA ARG B 105 6.99 23.32 7.61
C ARG B 105 7.32 22.31 6.52
N ASP B 106 6.37 22.14 5.61
CA ASP B 106 6.51 21.21 4.48
C ASP B 106 7.84 21.45 3.80
N LYS B 107 8.54 20.33 3.57
CA LYS B 107 9.98 20.29 3.24
C LYS B 107 10.29 21.01 1.96
N LEU B 108 9.35 20.96 1.01
CA LEU B 108 9.47 21.61 -0.29
C LEU B 108 8.66 22.90 -0.38
N THR B 109 7.34 22.73 -0.43
CA THR B 109 6.43 23.83 -0.77
C THR B 109 6.27 24.92 0.30
N GLN B 110 7.28 25.08 1.17
CA GLN B 110 7.24 26.06 2.27
C GLN B 110 5.83 26.32 2.82
N MET B 111 5.29 25.32 3.51
CA MET B 111 3.98 25.43 4.09
C MET B 111 3.91 24.77 5.48
N LEU B 112 3.39 25.51 6.45
CA LEU B 112 3.19 24.96 7.78
C LEU B 112 2.05 23.98 7.70
N LYS B 113 2.22 22.82 8.32
CA LYS B 113 1.17 21.82 8.34
C LYS B 113 1.04 21.11 9.67
N CYS B 114 -0.21 20.76 10.01
CA CYS B 114 -0.47 20.06 11.23
C CYS B 114 -0.87 18.64 10.88
N HIS B 115 0.12 17.75 10.86
CA HIS B 115 -0.10 16.36 10.60
C HIS B 115 -0.62 15.64 11.81
N VAL B 116 -1.72 14.93 11.64
CA VAL B 116 -2.38 14.21 12.71
C VAL B 116 -2.40 12.71 12.40
N PHE B 117 -2.39 11.91 13.48
CA PHE B 117 -2.27 10.47 13.46
C PHE B 117 -3.12 9.84 14.54
N ARG B 118 -3.72 8.70 14.22
CA ARG B 118 -4.53 7.94 15.18
C ARG B 118 -3.68 6.82 15.69
N CYS B 119 -3.46 6.81 17.00
CA CYS B 119 -2.50 5.92 17.60
C CYS B 119 -3.15 4.74 18.32
N GLU B 120 -2.38 3.67 18.50
CA GLU B 120 -2.78 2.57 19.34
C GLU B 120 -2.43 2.83 20.82
N ALA B 121 -1.71 3.92 21.05
CA ALA B 121 -1.13 4.13 22.35
C ALA B 121 -1.73 5.42 22.88
N PRO B 122 -1.66 5.63 24.20
CA PRO B 122 -1.92 6.99 24.62
C PRO B 122 -1.01 7.92 23.85
N ALA B 123 -1.59 8.74 22.95
CA ALA B 123 -0.86 9.75 22.22
C ALA B 123 -0.01 10.63 23.13
N LYS B 124 -0.38 10.73 24.40
CA LYS B 124 0.41 11.47 25.37
C LYS B 124 1.85 10.92 25.50
N ASN B 125 2.00 9.65 25.09
CA ASN B 125 3.25 8.90 25.21
C ASN B 125 4.25 9.25 24.10
N ILE B 126 3.73 9.64 22.93
CA ILE B 126 4.60 10.17 21.89
C ILE B 126 4.99 11.56 22.31
N ALA B 127 4.03 12.30 22.81
CA ALA B 127 4.29 13.66 23.30
C ALA B 127 5.42 13.61 24.31
N THR B 128 5.26 12.71 25.30
CA THR B 128 6.23 12.58 26.36
C THR B 128 7.57 12.18 25.79
N SER B 129 7.57 11.21 24.86
CA SER B 129 8.81 10.75 24.26
C SER B 129 9.46 11.89 23.50
N LEU B 130 8.69 12.66 22.73
CA LEU B 130 9.29 13.81 22.07
C LEU B 130 9.95 14.78 23.05
N HIS B 131 9.44 14.82 24.29
CA HIS B 131 9.99 15.70 25.30
C HIS B 131 11.39 15.34 25.78
N GLU B 132 11.55 14.07 26.12
CA GLU B 132 12.79 13.58 26.66
C GLU B 132 13.88 13.91 25.66
N ILE B 133 13.70 13.38 24.46
CA ILE B 133 14.54 13.73 23.31
C ILE B 133 14.89 15.23 23.26
N CYS B 134 13.89 16.11 23.16
CA CYS B 134 14.18 17.56 23.03
C CYS B 134 15.01 18.07 24.19
N SER B 135 14.69 17.62 25.40
CA SER B 135 15.40 18.03 26.58
C SER B 135 16.84 17.54 26.50
N LYS B 136 17.03 16.27 26.09
CA LYS B 136 18.39 15.69 25.94
C LYS B 136 19.21 16.49 24.96
N ILE B 137 18.63 16.80 23.81
CA ILE B 137 19.27 17.72 22.88
C ILE B 137 19.59 19.01 23.62
N MET B 138 18.61 19.53 24.34
CA MET B 138 18.78 20.71 25.17
C MET B 138 20.11 20.71 25.92
N ALA B 139 20.54 19.55 26.40
CA ALA B 139 21.73 19.44 27.23
C ALA B 139 23.05 19.53 26.44
N GLU B 140 22.96 20.05 25.21
CA GLU B 140 24.12 20.47 24.39
C GLU B 140 24.73 21.81 24.86
N LEU B 141 24.25 22.36 25.97
CA LEU B 141 24.80 23.59 26.53
C LEU B 141 26.32 23.59 26.78
N GLU B 142 27.04 22.56 26.37
CA GLU B 142 28.48 22.58 26.62
C GLU B 142 29.21 23.27 25.49
N HIS B 143 28.46 24.14 24.82
CA HIS B 143 28.97 24.96 23.72
C HIS B 143 29.28 26.38 24.23
N GLY C 1 -9.15 -31.06 -19.08
CA GLY C 1 -10.54 -30.62 -19.43
C GLY C 1 -10.61 -29.13 -19.74
N ILE C 2 -11.31 -28.79 -20.83
CA ILE C 2 -11.57 -27.39 -21.22
C ILE C 2 -12.43 -26.69 -20.17
N LYS C 3 -11.76 -26.02 -19.23
CA LYS C 3 -12.37 -24.88 -18.57
C LYS C 3 -12.12 -23.71 -19.54
N CYS C 4 -12.95 -22.68 -19.46
CA CYS C 4 -13.03 -21.69 -20.53
C CYS C 4 -13.95 -20.61 -20.01
N PHE C 5 -13.48 -19.37 -19.94
CA PHE C 5 -14.26 -18.28 -19.32
C PHE C 5 -14.49 -17.03 -20.14
N ALA C 6 -15.74 -16.58 -20.17
CA ALA C 6 -16.05 -15.30 -20.83
C ALA C 6 -15.45 -14.16 -20.01
N VAL C 7 -14.56 -13.38 -20.66
CA VAL C 7 -13.89 -12.24 -20.03
C VAL C 7 -13.76 -10.99 -20.91
N ARG C 8 -13.46 -9.87 -20.26
CA ARG C 8 -13.00 -8.67 -20.95
C ARG C 8 -11.59 -8.30 -20.48
N SER C 9 -10.69 -8.07 -21.42
CA SER C 9 -9.36 -7.61 -21.05
C SER C 9 -9.36 -6.14 -20.54
N LEU C 10 -9.01 -5.90 -19.28
CA LEU C 10 -8.96 -4.51 -18.86
C LEU C 10 -7.58 -3.89 -19.13
N GLY C 11 -6.55 -4.72 -19.35
CA GLY C 11 -5.22 -4.22 -19.57
C GLY C 11 -4.21 -4.80 -18.63
N TRP C 12 -3.16 -4.03 -18.35
CA TRP C 12 -2.13 -4.49 -17.44
C TRP C 12 -1.37 -3.36 -16.81
N VAL C 13 -0.56 -3.74 -15.82
CA VAL C 13 0.19 -2.83 -14.99
C VAL C 13 1.50 -3.50 -14.59
N GLU C 14 2.62 -2.92 -14.99
CA GLU C 14 3.95 -3.39 -14.57
C GLU C 14 4.10 -3.61 -13.07
N MET C 15 4.72 -4.72 -12.67
CA MET C 15 5.07 -4.94 -11.23
C MET C 15 6.55 -5.22 -11.03
N THR C 16 7.04 -4.85 -9.86
CA THR C 16 8.43 -5.08 -9.49
C THR C 16 8.60 -6.41 -8.74
N GLU C 17 9.68 -7.13 -9.00
CA GLU C 17 10.08 -8.34 -8.25
C GLU C 17 9.82 -8.31 -6.74
N GLU C 18 10.13 -7.18 -6.12
CA GLU C 18 9.94 -7.02 -4.69
C GLU C 18 8.49 -7.02 -4.34
N GLU C 19 7.66 -6.30 -5.09
CA GLU C 19 6.19 -6.44 -4.93
C GLU C 19 5.72 -7.94 -4.91
N LEU C 20 6.49 -8.83 -5.52
CA LEU C 20 6.06 -10.21 -5.71
C LEU C 20 6.49 -11.24 -4.65
N ALA C 21 7.46 -10.88 -3.82
CA ALA C 21 7.80 -11.70 -2.66
C ALA C 21 6.54 -11.83 -1.79
N PRO C 22 6.34 -13.01 -1.16
CA PRO C 22 5.04 -13.19 -0.54
C PRO C 22 4.93 -12.32 0.69
N GLY C 23 3.69 -11.96 1.02
CA GLY C 23 3.41 -11.02 2.10
C GLY C 23 2.98 -9.75 1.42
N ARG C 24 3.77 -9.36 0.42
CA ARG C 24 3.52 -8.17 -0.39
C ARG C 24 2.84 -8.40 -1.74
N SER C 25 2.42 -9.65 -2.03
CA SER C 25 1.87 -9.94 -3.35
C SER C 25 0.36 -9.73 -3.45
N SER C 26 -0.42 -10.56 -2.74
CA SER C 26 -1.89 -10.50 -2.83
C SER C 26 -2.35 -9.05 -2.72
N VAL C 27 -1.66 -8.32 -1.85
CA VAL C 27 -1.91 -6.93 -1.55
C VAL C 27 -1.67 -6.10 -2.81
N ALA C 28 -0.45 -6.24 -3.37
CA ALA C 28 -0.04 -5.58 -4.62
C ALA C 28 -0.92 -5.88 -5.83
N VAL C 29 -1.34 -7.14 -5.97
CA VAL C 29 -2.24 -7.56 -7.06
C VAL C 29 -3.56 -6.79 -6.96
N ASN C 30 -4.04 -6.63 -5.74
CA ASN C 30 -5.30 -5.96 -5.57
C ASN C 30 -5.25 -4.51 -6.00
N ASN C 31 -4.12 -3.83 -5.77
CA ASN C 31 -4.03 -2.44 -6.21
C ASN C 31 -4.05 -2.33 -7.72
N CYS C 32 -3.43 -3.31 -8.39
CA CYS C 32 -3.57 -3.47 -9.85
C CYS C 32 -5.05 -3.57 -10.30
N ILE C 33 -5.82 -4.41 -9.62
CA ILE C 33 -7.20 -4.66 -10.02
C ILE C 33 -8.00 -3.43 -9.69
N ARG C 34 -7.72 -2.92 -8.49
CA ARG C 34 -8.30 -1.67 -7.94
C ARG C 34 -8.17 -0.46 -8.87
N GLN C 35 -7.26 -0.51 -9.83
CA GLN C 35 -7.04 0.68 -10.67
C GLN C 35 -7.25 0.55 -12.18
N LEU C 36 -7.46 -0.66 -12.66
CA LEU C 36 -7.90 -0.91 -14.01
C LEU C 36 -9.40 -1.20 -14.11
N SER C 37 -10.05 -1.53 -12.99
CA SER C 37 -11.47 -1.85 -13.03
C SER C 37 -12.36 -0.94 -12.18
N TYR C 38 -13.42 -0.40 -12.80
CA TYR C 38 -14.44 0.43 -12.12
C TYR C 38 -15.57 -0.47 -11.65
N HIS C 39 -16.17 -0.18 -10.49
CA HIS C 39 -17.37 -0.94 -10.07
C HIS C 39 -18.52 -0.07 -9.52
N LYS C 55 -14.11 -5.82 -27.01
CA LYS C 55 -14.83 -7.06 -27.30
C LYS C 55 -14.70 -8.08 -26.15
N ASP C 56 -15.22 -9.28 -26.36
CA ASP C 56 -15.21 -10.31 -25.35
C ASP C 56 -14.15 -11.31 -25.73
N LEU C 57 -13.57 -11.98 -24.73
CA LEU C 57 -12.59 -12.99 -25.01
C LEU C 57 -12.90 -14.20 -24.21
N LEU C 58 -12.42 -15.35 -24.71
CA LEU C 58 -12.29 -16.59 -23.95
C LEU C 58 -10.93 -16.65 -23.26
N LEU C 59 -10.92 -16.68 -21.92
CA LEU C 59 -9.72 -17.07 -21.20
C LEU C 59 -9.79 -18.58 -21.13
N GLN C 60 -8.84 -19.26 -21.75
CA GLN C 60 -8.89 -20.72 -21.79
C GLN C 60 -7.82 -21.38 -20.97
N LEU C 61 -8.11 -22.59 -20.52
CA LEU C 61 -7.19 -23.39 -19.75
C LEU C 61 -7.18 -24.79 -20.37
N GLU C 62 -6.15 -25.09 -21.15
CA GLU C 62 -5.92 -26.43 -21.66
C GLU C 62 -4.44 -26.59 -21.90
N ASP C 63 -3.94 -27.82 -21.71
CA ASP C 63 -2.54 -28.19 -21.86
C ASP C 63 -1.66 -27.35 -20.93
N GLU C 64 -2.16 -27.13 -19.72
CA GLU C 64 -1.42 -26.34 -18.73
C GLU C 64 -1.01 -24.97 -19.29
N THR C 65 -1.90 -24.36 -20.08
CA THR C 65 -1.67 -23.07 -20.70
C THR C 65 -2.87 -22.15 -20.51
N LEU C 66 -2.66 -20.99 -19.86
CA LEU C 66 -3.63 -19.91 -19.92
C LEU C 66 -3.63 -19.32 -21.35
N LYS C 67 -4.62 -19.70 -22.17
CA LYS C 67 -4.82 -19.14 -23.50
C LYS C 67 -5.81 -17.97 -23.53
N LEU C 68 -5.52 -16.97 -24.36
CA LEU C 68 -6.51 -15.92 -24.67
C LEU C 68 -6.96 -16.14 -26.09
N VAL C 69 -8.13 -16.75 -26.25
CA VAL C 69 -8.66 -17.07 -27.56
C VAL C 69 -9.67 -15.99 -27.98
N GLU C 70 -9.77 -15.72 -29.29
CA GLU C 70 -10.85 -14.86 -29.81
C GLU C 70 -12.07 -15.75 -30.08
N PRO C 71 -13.22 -15.38 -29.48
CA PRO C 71 -14.39 -16.25 -29.48
C PRO C 71 -14.81 -16.75 -30.88
N GLN C 72 -15.27 -15.85 -31.75
CA GLN C 72 -15.87 -16.21 -33.05
C GLN C 72 -14.88 -16.70 -34.10
N SER C 73 -13.67 -16.13 -34.13
CA SER C 73 -12.63 -16.61 -35.03
C SER C 73 -11.97 -17.87 -34.45
N GLN C 74 -11.75 -17.87 -33.14
CA GLN C 74 -11.26 -19.05 -32.43
C GLN C 74 -9.75 -19.17 -32.38
N ALA C 75 -9.07 -18.11 -32.84
CA ALA C 75 -7.62 -18.18 -32.98
C ALA C 75 -6.90 -17.55 -31.82
N LEU C 76 -5.77 -18.17 -31.48
CA LEU C 76 -5.00 -17.82 -30.30
C LEU C 76 -4.67 -16.36 -30.34
N LEU C 77 -4.66 -15.70 -29.19
CA LEU C 77 -4.39 -14.29 -29.11
C LEU C 77 -3.25 -14.13 -28.14
N HIS C 78 -3.03 -15.17 -27.32
CA HIS C 78 -1.96 -15.20 -26.34
C HIS C 78 -1.92 -16.57 -25.65
N ALA C 79 -0.72 -17.04 -25.33
CA ALA C 79 -0.55 -18.30 -24.64
C ALA C 79 0.37 -18.03 -23.49
N GLN C 80 0.16 -18.69 -22.36
CA GLN C 80 0.97 -18.41 -21.18
C GLN C 80 1.16 -19.68 -20.37
N PRO C 81 2.38 -20.20 -20.34
CA PRO C 81 2.63 -21.38 -19.53
C PRO C 81 2.20 -21.11 -18.12
N ILE C 82 1.31 -21.97 -17.62
CA ILE C 82 0.91 -21.93 -16.22
C ILE C 82 2.04 -22.13 -15.21
N ILE C 83 3.11 -22.86 -15.55
CA ILE C 83 4.29 -22.99 -14.65
C ILE C 83 4.87 -21.65 -14.26
N SER C 84 4.97 -20.74 -15.22
CA SER C 84 5.61 -19.45 -14.98
C SER C 84 4.68 -18.30 -14.57
N ILE C 85 3.43 -18.63 -14.20
CA ILE C 85 2.59 -17.60 -13.57
C ILE C 85 3.06 -17.35 -12.13
N ARG C 86 3.46 -16.12 -11.85
CA ARG C 86 3.89 -15.79 -10.53
C ARG C 86 2.80 -15.86 -9.49
N VAL C 87 1.60 -15.37 -9.79
CA VAL C 87 0.57 -15.19 -8.79
C VAL C 87 -0.74 -14.94 -9.53
N TRP C 88 -1.87 -15.25 -8.89
CA TRP C 88 -3.19 -14.85 -9.41
C TRP C 88 -4.06 -14.41 -8.23
N GLY C 89 -5.32 -14.07 -8.49
CA GLY C 89 -6.09 -13.37 -7.46
C GLY C 89 -7.45 -12.99 -7.95
N VAL C 90 -8.40 -12.79 -7.04
CA VAL C 90 -9.68 -12.23 -7.41
C VAL C 90 -9.88 -10.95 -6.62
N GLY C 91 -10.76 -10.09 -7.05
CA GLY C 91 -10.97 -8.84 -6.30
C GLY C 91 -11.49 -9.03 -4.89
N ARG C 92 -10.60 -8.91 -3.91
CA ARG C 92 -10.95 -9.09 -2.49
C ARG C 92 -12.05 -8.13 -2.00
N ASP C 93 -12.03 -6.89 -2.50
CA ASP C 93 -13.05 -5.89 -2.20
C ASP C 93 -14.46 -6.47 -2.34
N SER C 94 -15.42 -5.79 -1.69
CA SER C 94 -16.82 -6.11 -1.89
C SER C 94 -17.18 -5.68 -3.31
N GLY C 95 -18.01 -6.49 -3.96
CA GLY C 95 -18.40 -6.25 -5.35
C GLY C 95 -17.19 -6.19 -6.26
N ARG C 96 -16.37 -7.24 -6.21
CA ARG C 96 -15.14 -7.31 -6.99
C ARG C 96 -14.80 -8.76 -7.29
N GLU C 97 -15.80 -9.63 -7.24
CA GLU C 97 -15.56 -11.06 -7.49
C GLU C 97 -15.66 -11.40 -8.96
N ARG C 98 -15.86 -10.38 -9.79
CA ARG C 98 -15.77 -10.53 -11.24
C ARG C 98 -14.37 -10.18 -11.80
N ASP C 99 -13.49 -9.65 -10.95
CA ASP C 99 -12.19 -9.24 -11.39
C ASP C 99 -11.12 -10.31 -11.20
N PHE C 100 -10.47 -10.70 -12.30
CA PHE C 100 -9.38 -11.67 -12.24
C PHE C 100 -8.04 -11.08 -12.68
N ALA C 101 -7.02 -11.35 -11.91
CA ALA C 101 -5.67 -10.95 -12.27
C ALA C 101 -4.73 -12.16 -12.38
N TYR C 102 -3.73 -12.06 -13.26
CA TYR C 102 -2.55 -12.92 -13.17
C TYR C 102 -1.27 -12.18 -13.54
N VAL C 103 -0.18 -12.52 -12.88
CA VAL C 103 1.14 -11.88 -13.05
C VAL C 103 2.11 -12.85 -13.68
N ALA C 104 2.76 -12.42 -14.76
CA ALA C 104 3.79 -13.20 -15.45
C ALA C 104 4.84 -12.28 -16.10
N ARG C 105 6.08 -12.78 -16.23
CA ARG C 105 7.13 -12.03 -16.90
C ARG C 105 6.76 -12.12 -18.35
N ASP C 106 6.97 -11.02 -19.09
CA ASP C 106 6.69 -10.92 -20.53
C ASP C 106 7.84 -11.54 -21.35
N LYS C 107 7.52 -12.50 -22.22
CA LYS C 107 8.53 -13.26 -22.99
C LYS C 107 9.70 -12.47 -23.60
N LEU C 108 9.39 -11.45 -24.41
CA LEU C 108 10.40 -10.57 -25.01
C LEU C 108 10.93 -9.55 -23.98
N THR C 109 10.19 -8.47 -23.71
CA THR C 109 10.70 -7.36 -22.91
C THR C 109 11.08 -7.70 -21.46
N GLN C 110 10.91 -8.96 -21.08
CA GLN C 110 11.33 -9.47 -19.76
C GLN C 110 10.70 -8.75 -18.54
N MET C 111 9.56 -8.10 -18.75
CA MET C 111 8.93 -7.37 -17.66
C MET C 111 7.79 -8.13 -17.01
N LEU C 112 7.63 -7.94 -15.71
CA LEU C 112 6.49 -8.47 -14.97
C LEU C 112 5.28 -7.58 -15.18
N LYS C 113 4.23 -8.18 -15.74
CA LYS C 113 2.97 -7.52 -15.87
C LYS C 113 1.87 -8.24 -15.07
N CYS C 114 0.96 -7.47 -14.49
CA CYS C 114 -0.22 -8.00 -13.84
C CYS C 114 -1.42 -7.69 -14.72
N HIS C 115 -1.87 -8.69 -15.49
CA HIS C 115 -3.00 -8.54 -16.41
C HIS C 115 -4.35 -8.70 -15.67
N VAL C 116 -5.24 -7.72 -15.78
CA VAL C 116 -6.52 -7.74 -15.07
C VAL C 116 -7.65 -8.09 -16.04
N PHE C 117 -8.69 -8.74 -15.57
CA PHE C 117 -9.80 -9.14 -16.43
C PHE C 117 -11.11 -8.92 -15.69
N ARG C 118 -12.19 -8.67 -16.43
CA ARG C 118 -13.53 -8.71 -15.87
C ARG C 118 -14.20 -9.96 -16.43
N CYS C 119 -14.57 -10.87 -15.55
CA CYS C 119 -15.15 -12.15 -15.97
C CYS C 119 -16.67 -12.10 -15.86
N GLU C 120 -17.35 -12.82 -16.74
CA GLU C 120 -18.79 -12.84 -16.74
C GLU C 120 -19.27 -13.72 -15.58
N ALA C 121 -18.67 -14.89 -15.49
CA ALA C 121 -18.80 -15.76 -14.32
C ALA C 121 -17.94 -15.22 -13.17
N PRO C 122 -18.08 -15.80 -11.97
CA PRO C 122 -17.23 -15.30 -10.87
C PRO C 122 -15.71 -15.67 -10.98
N ALA C 123 -14.86 -14.70 -10.67
CA ALA C 123 -13.41 -14.83 -10.88
C ALA C 123 -12.84 -15.99 -10.09
N LYS C 124 -13.40 -16.27 -8.91
CA LYS C 124 -12.95 -17.41 -8.11
C LYS C 124 -13.12 -18.77 -8.80
N ASN C 125 -13.96 -18.84 -9.81
CA ASN C 125 -14.03 -20.06 -10.61
C ASN C 125 -12.68 -20.34 -11.22
N ILE C 126 -12.03 -19.28 -11.69
CA ILE C 126 -10.81 -19.38 -12.47
C ILE C 126 -9.66 -19.70 -11.57
N ALA C 127 -9.54 -18.91 -10.49
CA ALA C 127 -8.55 -19.15 -9.45
C ALA C 127 -8.57 -20.64 -9.07
N THR C 128 -9.69 -21.07 -8.50
CA THR C 128 -9.86 -22.45 -8.11
C THR C 128 -9.46 -23.35 -9.24
N SER C 129 -9.85 -22.99 -10.45
CA SER C 129 -9.54 -23.85 -11.54
C SER C 129 -8.01 -23.88 -11.81
N LEU C 130 -7.30 -22.84 -11.39
CA LEU C 130 -5.87 -22.76 -11.62
C LEU C 130 -5.14 -23.42 -10.51
N HIS C 131 -5.74 -23.42 -9.32
CA HIS C 131 -5.21 -24.24 -8.22
C HIS C 131 -5.26 -25.72 -8.58
N GLU C 132 -6.37 -26.17 -9.15
CA GLU C 132 -6.51 -27.57 -9.58
C GLU C 132 -5.41 -27.98 -10.54
N ILE C 133 -5.23 -27.17 -11.57
CA ILE C 133 -4.25 -27.46 -12.59
C ILE C 133 -2.83 -27.61 -12.01
N CYS C 134 -2.44 -26.72 -11.10
CA CYS C 134 -1.13 -26.85 -10.50
C CYS C 134 -0.96 -28.11 -9.64
N SER C 135 -1.94 -28.37 -8.76
CA SER C 135 -1.87 -29.50 -7.84
C SER C 135 -1.72 -30.82 -8.60
N LYS C 136 -2.47 -30.95 -9.68
CA LYS C 136 -2.37 -32.09 -10.57
C LYS C 136 -0.96 -32.16 -11.11
N ILE C 137 -0.47 -31.03 -11.62
CA ILE C 137 0.87 -30.92 -12.20
C ILE C 137 1.92 -31.28 -11.15
N MET C 138 1.70 -30.87 -9.89
CA MET C 138 2.54 -31.22 -8.73
C MET C 138 2.47 -32.66 -8.24
N ALA C 139 1.79 -33.53 -8.99
CA ALA C 139 1.50 -34.87 -8.52
C ALA C 139 2.05 -35.88 -9.50
N GLU C 140 2.48 -35.40 -10.65
CA GLU C 140 2.85 -36.34 -11.69
C GLU C 140 4.35 -36.26 -11.84
N LEU C 141 5.06 -36.36 -10.71
CA LEU C 141 6.47 -35.93 -10.68
C LEU C 141 7.54 -36.82 -9.97
N GLU C 142 7.18 -38.08 -9.63
CA GLU C 142 8.15 -39.05 -9.08
C GLU C 142 9.47 -39.07 -9.86
N GLY D 1 5.42 2.33 -12.32
CA GLY D 1 5.77 1.71 -13.63
C GLY D 1 4.74 1.97 -14.71
N ILE D 2 4.88 1.26 -15.84
CA ILE D 2 4.01 1.42 -16.97
C ILE D 2 2.59 1.04 -16.53
N LYS D 3 1.58 1.72 -17.02
CA LYS D 3 0.24 1.24 -16.96
C LYS D 3 -0.28 1.07 -18.38
N CYS D 4 -1.28 0.20 -18.58
CA CYS D 4 -1.93 0.01 -19.87
C CYS D 4 -3.46 -0.13 -19.70
N PHE D 5 -4.22 0.90 -20.01
CA PHE D 5 -5.63 0.85 -19.80
C PHE D 5 -6.37 0.62 -21.10
N ALA D 6 -7.30 -0.35 -21.13
CA ALA D 6 -8.23 -0.53 -22.26
C ALA D 6 -9.27 0.56 -22.29
N VAL D 7 -9.36 1.20 -23.45
CA VAL D 7 -10.24 2.37 -23.68
C VAL D 7 -10.82 2.33 -25.09
N ARG D 8 -12.06 2.81 -25.25
CA ARG D 8 -12.62 3.01 -26.60
C ARG D 8 -12.55 4.49 -26.94
N SER D 9 -12.04 4.79 -28.13
CA SER D 9 -11.91 6.19 -28.58
C SER D 9 -13.27 6.73 -28.95
N LEU D 10 -13.68 7.81 -28.31
CA LEU D 10 -14.96 8.41 -28.60
C LEU D 10 -14.82 9.47 -29.68
N GLY D 11 -13.58 9.90 -29.94
CA GLY D 11 -13.31 10.95 -30.91
C GLY D 11 -12.79 12.23 -30.29
N TRP D 12 -12.82 13.33 -31.04
CA TRP D 12 -12.31 14.59 -30.52
C TRP D 12 -13.12 15.85 -30.84
N VAL D 13 -12.89 16.89 -30.04
CA VAL D 13 -13.52 18.18 -30.21
C VAL D 13 -12.46 19.28 -30.39
N GLU D 14 -12.79 20.29 -31.18
CA GLU D 14 -11.92 21.43 -31.32
C GLU D 14 -11.91 22.24 -30.04
N MET D 15 -10.79 22.94 -29.79
CA MET D 15 -10.65 23.84 -28.64
C MET D 15 -9.84 25.10 -28.95
N THR D 16 -10.10 26.14 -28.17
CA THR D 16 -9.47 27.44 -28.38
C THR D 16 -8.45 27.64 -27.27
N GLU D 17 -7.45 28.49 -27.51
CA GLU D 17 -6.47 28.81 -26.48
C GLU D 17 -7.18 29.54 -25.34
N GLU D 18 -8.41 29.99 -25.65
CA GLU D 18 -9.30 30.76 -24.77
C GLU D 18 -9.95 29.91 -23.70
N GLU D 19 -10.59 28.85 -24.16
CA GLU D 19 -11.16 27.86 -23.26
C GLU D 19 -10.11 27.17 -22.40
N LEU D 20 -8.84 27.44 -22.67
CA LEU D 20 -7.73 26.81 -21.96
C LEU D 20 -7.23 27.58 -20.74
N ALA D 21 -7.78 28.77 -20.50
CA ALA D 21 -7.38 29.53 -19.33
C ALA D 21 -7.92 28.91 -18.01
N PRO D 22 -7.11 28.97 -16.93
CA PRO D 22 -7.51 28.23 -15.71
C PRO D 22 -8.82 28.76 -15.10
N GLY D 23 -9.76 27.84 -14.89
CA GLY D 23 -11.09 28.19 -14.42
C GLY D 23 -12.05 27.91 -15.56
N ARG D 24 -11.71 28.37 -16.75
CA ARG D 24 -12.51 28.05 -17.90
C ARG D 24 -11.97 26.77 -18.49
N SER D 25 -10.76 26.41 -18.10
CA SER D 25 -10.05 25.24 -18.59
C SER D 25 -10.85 23.99 -18.35
N SER D 26 -10.94 23.64 -17.07
CA SER D 26 -11.74 22.51 -16.54
C SER D 26 -13.19 22.43 -17.04
N VAL D 27 -13.81 23.61 -17.21
CA VAL D 27 -15.17 23.70 -17.73
C VAL D 27 -15.31 23.19 -19.17
N ALA D 28 -14.51 23.74 -20.07
CA ALA D 28 -14.61 23.37 -21.49
C ALA D 28 -14.17 21.94 -21.75
N VAL D 29 -13.45 21.35 -20.79
CA VAL D 29 -13.15 19.92 -20.86
C VAL D 29 -14.41 19.11 -20.58
N ASN D 30 -15.19 19.45 -19.56
CA ASN D 30 -16.44 18.71 -19.43
C ASN D 30 -17.43 19.02 -20.54
N ASN D 31 -17.38 20.23 -21.07
CA ASN D 31 -18.20 20.57 -22.23
C ASN D 31 -17.89 19.66 -23.40
N CYS D 32 -16.59 19.38 -23.60
CA CYS D 32 -16.15 18.48 -24.67
C CYS D 32 -16.50 17.02 -24.38
N ILE D 33 -16.48 16.61 -23.11
CA ILE D 33 -16.82 15.23 -22.71
C ILE D 33 -18.30 14.94 -22.90
N ARG D 34 -19.15 15.64 -22.15
CA ARG D 34 -20.60 15.48 -22.27
C ARG D 34 -21.14 15.68 -23.70
N GLN D 35 -20.35 16.32 -24.56
CA GLN D 35 -20.72 16.48 -25.98
C GLN D 35 -20.59 15.18 -26.79
N LEU D 36 -20.12 14.12 -26.14
CA LEU D 36 -19.93 12.81 -26.78
C LEU D 36 -20.38 11.72 -25.80
N SER D 37 -20.61 12.13 -24.55
CA SER D 37 -20.81 11.23 -23.41
C SER D 37 -22.11 10.43 -23.52
N GLY D 50 -8.22 4.24 -37.70
CA GLY D 50 -7.06 4.14 -36.81
C GLY D 50 -7.43 4.26 -35.33
N TRP D 51 -7.08 5.40 -34.73
CA TRP D 51 -7.41 5.68 -33.33
C TRP D 51 -8.59 6.65 -33.15
N GLY D 52 -9.46 6.73 -34.17
CA GLY D 52 -10.65 7.58 -34.09
C GLY D 52 -11.82 6.94 -33.34
N GLU D 53 -12.99 7.57 -33.42
CA GLU D 53 -14.23 7.10 -32.77
C GLU D 53 -14.52 5.60 -32.94
N GLY D 54 -15.15 4.99 -31.94
CA GLY D 54 -15.53 3.59 -32.01
C GLY D 54 -14.40 2.60 -31.78
N LYS D 55 -13.16 3.01 -32.05
CA LYS D 55 -12.03 2.08 -31.95
C LYS D 55 -11.65 1.71 -30.53
N ASP D 56 -11.41 0.41 -30.33
CA ASP D 56 -10.92 -0.10 -29.04
C ASP D 56 -9.41 -0.07 -29.08
N LEU D 57 -8.79 0.44 -28.02
CA LEU D 57 -7.33 0.69 -28.02
C LEU D 57 -6.72 0.39 -26.69
N LEU D 58 -5.40 0.34 -26.66
CA LEU D 58 -4.71 0.32 -25.40
C LEU D 58 -4.05 1.68 -25.25
N LEU D 59 -4.21 2.30 -24.09
CA LEU D 59 -3.67 3.60 -23.85
C LEU D 59 -2.63 3.34 -22.84
N GLN D 60 -1.35 3.36 -23.23
CA GLN D 60 -0.28 3.02 -22.29
C GLN D 60 0.47 4.26 -21.85
N LEU D 61 1.09 4.19 -20.67
CA LEU D 61 1.86 5.30 -20.20
C LEU D 61 3.25 4.78 -19.91
N GLU D 62 4.17 5.05 -20.83
CA GLU D 62 5.60 4.73 -20.70
C GLU D 62 6.52 5.78 -21.39
N ASP D 63 7.63 6.09 -20.72
CA ASP D 63 8.59 7.03 -21.30
C ASP D 63 7.89 8.33 -21.63
N GLU D 64 7.23 8.88 -20.59
CA GLU D 64 6.66 10.22 -20.65
C GLU D 64 5.83 10.42 -21.92
N THR D 65 5.27 9.31 -22.40
CA THR D 65 4.43 9.34 -23.57
C THR D 65 3.12 8.66 -23.21
N LEU D 66 2.03 9.29 -23.61
CA LEU D 66 0.76 8.63 -23.58
C LEU D 66 0.75 8.01 -24.95
N LYS D 67 0.59 6.69 -24.99
CA LYS D 67 0.61 5.95 -26.24
C LYS D 67 -0.75 5.37 -26.52
N LEU D 68 -1.04 5.16 -27.80
CA LEU D 68 -2.24 4.50 -28.20
C LEU D 68 -1.85 3.27 -29.02
N VAL D 69 -2.04 2.10 -28.41
CA VAL D 69 -1.52 0.87 -28.93
C VAL D 69 -2.69 0.05 -29.35
N GLU D 70 -2.58 -0.55 -30.52
CA GLU D 70 -3.70 -1.32 -31.06
C GLU D 70 -3.76 -2.65 -30.35
N PRO D 71 -4.96 -3.04 -29.91
CA PRO D 71 -5.06 -4.12 -28.93
C PRO D 71 -4.44 -5.43 -29.40
N GLN D 72 -4.83 -5.90 -30.57
CA GLN D 72 -4.51 -7.26 -31.03
C GLN D 72 -3.05 -7.42 -31.45
N SER D 73 -2.52 -6.40 -32.12
CA SER D 73 -1.29 -6.51 -32.86
C SER D 73 -0.18 -5.73 -32.23
N GLN D 74 -0.56 -4.69 -31.47
CA GLN D 74 0.38 -3.89 -30.66
C GLN D 74 1.16 -2.86 -31.45
N ALA D 75 0.70 -2.54 -32.65
CA ALA D 75 1.35 -1.47 -33.41
C ALA D 75 1.10 -0.13 -32.69
N LEU D 76 2.12 0.72 -32.72
CA LEU D 76 2.04 2.05 -32.16
C LEU D 76 1.16 2.94 -33.03
N LEU D 77 -0.10 3.03 -32.63
CA LEU D 77 -1.12 3.78 -33.37
C LEU D 77 -0.95 5.31 -33.27
N HIS D 78 -0.23 5.78 -32.23
CA HIS D 78 -0.11 7.22 -31.89
C HIS D 78 0.68 7.45 -30.61
N ALA D 79 1.38 8.57 -30.51
CA ALA D 79 2.23 8.83 -29.34
C ALA D 79 2.22 10.27 -28.80
N GLN D 80 1.39 10.59 -27.81
CA GLN D 80 1.37 11.94 -27.31
C GLN D 80 2.34 12.14 -26.14
N PRO D 81 3.39 12.97 -26.30
CA PRO D 81 4.28 13.21 -25.16
C PRO D 81 3.61 13.96 -23.99
N ILE D 82 3.58 13.35 -22.81
CA ILE D 82 2.88 13.90 -21.70
C ILE D 82 3.16 15.39 -21.49
N ILE D 83 4.42 15.76 -21.47
CA ILE D 83 4.86 17.15 -21.32
C ILE D 83 4.13 18.23 -22.15
N SER D 84 3.39 17.84 -23.19
CA SER D 84 2.70 18.76 -24.10
C SER D 84 1.21 18.48 -24.12
N ILE D 85 0.74 17.71 -23.16
CA ILE D 85 -0.68 17.66 -22.89
C ILE D 85 -1.05 18.92 -22.11
N ARG D 86 -1.96 19.72 -22.66
CA ARG D 86 -2.22 21.04 -22.10
C ARG D 86 -2.98 20.83 -20.82
N VAL D 87 -3.96 19.94 -20.86
CA VAL D 87 -4.65 19.50 -19.66
C VAL D 87 -5.27 18.18 -19.88
N TRP D 88 -5.75 17.60 -18.78
CA TRP D 88 -6.68 16.48 -18.82
C TRP D 88 -7.85 16.70 -17.82
N GLY D 89 -8.65 15.65 -17.57
CA GLY D 89 -9.79 15.65 -16.65
C GLY D 89 -10.70 14.42 -16.85
N VAL D 90 -11.72 14.29 -15.99
CA VAL D 90 -12.54 13.06 -15.90
C VAL D 90 -14.05 13.32 -16.08
N GLY D 91 -14.88 12.74 -15.20
CA GLY D 91 -16.35 12.87 -15.31
C GLY D 91 -16.97 13.89 -14.37
N GLU D 97 -18.42 9.96 -16.51
CA GLU D 97 -18.22 9.19 -15.28
C GLU D 97 -16.91 8.39 -15.26
N ARG D 98 -16.75 7.45 -16.22
CA ARG D 98 -15.46 6.80 -16.47
C ARG D 98 -14.98 7.13 -17.91
N ASP D 99 -14.86 8.42 -18.13
CA ASP D 99 -14.50 9.00 -19.41
C ASP D 99 -13.21 9.80 -19.19
N PHE D 100 -12.23 9.60 -20.06
CA PHE D 100 -10.98 10.33 -19.92
C PHE D 100 -10.68 11.33 -21.04
N ALA D 101 -10.36 12.57 -20.71
CA ALA D 101 -10.02 13.54 -21.75
C ALA D 101 -8.64 14.16 -21.58
N TYR D 102 -8.02 14.47 -22.70
CA TYR D 102 -6.76 15.18 -22.66
C TYR D 102 -6.68 16.07 -23.87
N VAL D 103 -6.02 17.21 -23.67
CA VAL D 103 -6.02 18.24 -24.65
C VAL D 103 -4.60 18.36 -25.16
N ALA D 104 -4.46 18.25 -26.49
CA ALA D 104 -3.17 18.46 -27.17
C ALA D 104 -3.32 19.10 -28.56
N ARG D 105 -2.27 19.79 -28.99
CA ARG D 105 -2.25 20.42 -30.30
C ARG D 105 -1.81 19.40 -31.32
N ASP D 106 -2.65 19.16 -32.32
CA ASP D 106 -2.25 18.30 -33.41
C ASP D 106 -0.93 18.80 -34.03
N LYS D 107 0.03 17.89 -34.18
CA LYS D 107 1.37 18.21 -34.71
C LYS D 107 1.25 18.66 -36.16
N LEU D 108 0.35 17.98 -36.90
CA LEU D 108 -0.02 18.28 -38.30
C LEU D 108 -0.91 19.52 -38.45
N THR D 109 -2.21 19.36 -38.15
CA THR D 109 -3.15 20.45 -38.44
C THR D 109 -3.03 21.63 -37.47
N GLN D 110 -1.98 21.64 -36.66
CA GLN D 110 -1.63 22.76 -35.75
C GLN D 110 -2.77 23.35 -34.91
N MET D 111 -3.76 22.54 -34.55
CA MET D 111 -4.91 23.01 -33.77
C MET D 111 -5.19 22.26 -32.45
N LEU D 112 -5.52 23.02 -31.41
CA LEU D 112 -5.86 22.43 -30.13
C LEU D 112 -7.10 21.56 -30.25
N LYS D 113 -6.95 20.33 -29.79
CA LYS D 113 -7.99 19.32 -29.83
C LYS D 113 -8.13 18.68 -28.46
N CYS D 114 -9.35 18.25 -28.12
CA CYS D 114 -9.64 17.54 -26.87
C CYS D 114 -10.21 16.16 -27.18
N HIS D 115 -9.33 15.16 -27.16
CA HIS D 115 -9.73 13.78 -27.42
C HIS D 115 -10.29 13.15 -26.17
N VAL D 116 -11.28 12.29 -26.37
CA VAL D 116 -12.02 11.65 -25.30
C VAL D 116 -12.08 10.14 -25.51
N PHE D 117 -11.94 9.39 -24.42
CA PHE D 117 -11.91 7.94 -24.46
C PHE D 117 -12.87 7.41 -23.41
N ARG D 118 -13.51 6.29 -23.69
CA ARG D 118 -14.38 5.66 -22.68
C ARG D 118 -13.64 4.45 -22.11
N CYS D 119 -13.20 4.62 -20.87
CA CYS D 119 -12.40 3.63 -20.15
C CYS D 119 -13.16 2.48 -19.47
N GLU D 120 -12.50 1.33 -19.34
CA GLU D 120 -12.96 0.27 -18.45
C GLU D 120 -12.65 0.57 -16.97
N ALA D 121 -11.85 1.61 -16.73
CA ALA D 121 -11.36 1.93 -15.40
C ALA D 121 -11.81 3.30 -14.89
N PRO D 122 -11.71 3.56 -13.58
CA PRO D 122 -12.00 4.96 -13.32
C PRO D 122 -11.05 5.90 -14.08
N ALA D 123 -11.56 6.59 -15.08
CA ALA D 123 -10.84 7.75 -15.61
C ALA D 123 -9.97 8.47 -14.55
N LYS D 124 -10.41 8.52 -13.28
CA LYS D 124 -9.67 9.23 -12.21
C LYS D 124 -8.23 8.67 -11.99
N ASN D 125 -8.09 7.38 -12.32
CA ASN D 125 -6.82 6.69 -12.23
C ASN D 125 -5.86 7.09 -13.36
N ILE D 126 -6.37 7.45 -14.52
CA ILE D 126 -5.48 7.85 -15.58
C ILE D 126 -4.89 9.21 -15.28
N ALA D 127 -5.76 10.18 -14.96
CA ALA D 127 -5.28 11.48 -14.50
C ALA D 127 -4.25 11.30 -13.38
N THR D 128 -4.62 10.48 -12.39
CA THR D 128 -3.75 10.18 -11.27
C THR D 128 -2.38 9.75 -11.75
N SER D 129 -2.33 8.82 -12.69
CA SER D 129 -1.05 8.38 -13.23
C SER D 129 -0.28 9.53 -13.88
N LEU D 130 -0.91 10.29 -14.78
CA LEU D 130 -0.23 11.39 -15.44
C LEU D 130 0.37 12.37 -14.43
N HIS D 131 -0.25 12.44 -13.26
CA HIS D 131 0.22 13.30 -12.18
C HIS D 131 1.50 12.84 -11.58
N GLU D 132 1.57 11.55 -11.29
CA GLU D 132 2.76 11.00 -10.69
C GLU D 132 3.81 11.35 -11.69
N ILE D 133 3.58 10.94 -12.93
CA ILE D 133 4.52 11.17 -14.02
C ILE D 133 5.03 12.63 -14.15
N CYS D 134 4.13 13.61 -14.39
CA CYS D 134 4.51 15.04 -14.44
C CYS D 134 5.26 15.51 -13.19
N SER D 135 4.75 15.14 -12.02
CA SER D 135 5.40 15.58 -10.80
C SER D 135 6.78 14.95 -10.77
N LYS D 136 6.87 13.71 -11.28
CA LYS D 136 8.13 12.99 -11.26
C LYS D 136 9.13 13.61 -12.22
N ILE D 137 8.67 14.03 -13.42
CA ILE D 137 9.51 14.80 -14.33
C ILE D 137 9.87 16.11 -13.62
N MET D 138 8.88 16.72 -12.98
CA MET D 138 9.10 17.95 -12.26
C MET D 138 10.36 17.87 -11.40
N ALA D 139 10.74 16.67 -10.96
CA ALA D 139 11.92 16.53 -10.12
C ALA D 139 13.29 16.54 -10.87
N GLU D 140 13.30 17.08 -12.09
CA GLU D 140 14.54 17.55 -12.73
C GLU D 140 14.81 19.04 -12.41
N LEU D 141 14.63 19.44 -11.15
CA LEU D 141 15.17 20.71 -10.67
C LEU D 141 16.72 20.65 -10.60
N GLU D 142 17.31 19.63 -11.25
CA GLU D 142 18.77 19.48 -11.34
C GLU D 142 19.29 20.41 -12.41
P PO4 E . 20.71 -12.22 22.91
O1 PO4 E . 20.46 -12.22 21.42
O2 PO4 E . 21.68 -13.36 23.19
O3 PO4 E . 19.42 -12.44 23.64
O4 PO4 E . 21.32 -10.91 23.38
P PO4 F . 10.26 -15.30 -14.13
O1 PO4 F . 10.36 -15.20 -15.65
O2 PO4 F . 11.33 -16.22 -13.61
O3 PO4 F . 8.88 -15.83 -13.78
O4 PO4 F . 10.49 -13.95 -13.50
#